data_5XMC
#
_entry.id   5XMC
#
_cell.length_a   69.586
_cell.length_b   77.084
_cell.length_c   130.475
_cell.angle_alpha   90.000
_cell.angle_beta   90.000
_cell.angle_gamma   90.000
#
_symmetry.space_group_name_H-M   'P 21 21 21'
#
loop_
_entity.id
_entity.type
_entity.pdbx_description
1 polymer 'E3 ubiquitin-protein ligase Itchy'
2 water water
#
_entity_poly.entity_id   1
_entity_poly.type   'polypeptide(L)'
_entity_poly.pdbx_seq_one_letter_code
;QVEAEVVTNGETSCSESTTQNDDGCRTRDDTRVSTNGSEDPEVAASGENKRANGNNSPSLSNGGFKPSRPPRPSRPPPPT
PRRPASVNGSPSTNSDSDGSSTGSLPPTNTNVNTSTSEGATSGLIIPLTISGGSGPRPLNTVSQAPLPPGWEQRVDQHGR
VYYVDHVEKRTTWDRPEPLPPGWERRVDNMGRIYYVDHFTRTTTWQRPTLESVRNYEQWQLQRSQLQGAMQQFNQRFIYG
NQDLFATSQNKEFDPLGPLPPGWEKRTDSNGRVYFVNHNTRITQWEDPRSQGQLNEKPLPEGWEMRFTVDGIPYFVDHNR
RATTYIDPRTGKSALDNGPQIAYVRDFKAKVQYFRFWCQQLAMPQHIKITVTRKTLFEDSFQQIMSFSPQDLRRRLWVIF
PGEEGLDYGGVAREWFFLLSHEVLNPMYCLFEYAGKDNYCLQINPASYINPDHLKYFRFIGRFIAMALFHGKFIDTGFSL
PFYKRILNKPVGLKDLESIDPEFYNSLIWVKENNIEECGLEMYFSVDKEILGEIKSHDLKPNGGNILVTEENKEEYIRMV
AEWRLSRGVEEQTQAFFEGFNEILPQQYLQYFDAKELEVLLCGMQEIDLNDWQRHAIYRHYTRTSKQIMWFWQFVKEIDN
EKRMRLLQFVTGTCRLPVGGFADLMGSNGPQKFCIEKVGKENWLPRSHTCFNRLDLPPYKSYEQLKEKLLFAIEETEGFG
QE
;
_entity_poly.pdbx_strand_id   A
#
# COMPACT_ATOMS: atom_id res chain seq x y z
N ALA A 145 -2.93 -37.23 -14.69
CA ALA A 145 -2.78 -36.37 -13.52
C ALA A 145 -3.88 -36.63 -12.48
N PRO A 146 -3.52 -37.25 -11.34
CA PRO A 146 -4.52 -37.71 -10.35
C PRO A 146 -5.44 -36.59 -9.85
N LEU A 147 -6.67 -36.96 -9.52
CA LEU A 147 -7.64 -36.04 -8.94
C LEU A 147 -7.22 -35.74 -7.51
N PRO A 148 -7.56 -34.54 -7.00
CA PRO A 148 -7.20 -34.25 -5.61
C PRO A 148 -8.01 -35.14 -4.69
N PRO A 149 -7.54 -35.33 -3.45
CA PRO A 149 -8.35 -36.05 -2.47
C PRO A 149 -9.79 -35.52 -2.41
N GLY A 150 -10.76 -36.40 -2.12
CA GLY A 150 -12.16 -36.02 -2.03
C GLY A 150 -12.90 -36.00 -3.35
N TRP A 151 -12.18 -36.18 -4.46
CA TRP A 151 -12.79 -36.18 -5.78
C TRP A 151 -12.90 -37.57 -6.38
N GLU A 152 -13.88 -37.77 -7.24
CA GLU A 152 -14.13 -39.06 -7.87
C GLU A 152 -14.44 -38.89 -9.36
N GLN A 153 -14.01 -39.84 -10.18
CA GLN A 153 -14.34 -39.83 -11.60
C GLN A 153 -15.51 -40.78 -11.89
N ARG A 154 -16.54 -40.26 -12.57
CA ARG A 154 -17.68 -41.07 -13.00
C ARG A 154 -18.00 -40.78 -14.46
N VAL A 155 -18.79 -41.66 -15.08
CA VAL A 155 -19.29 -41.45 -16.44
C VAL A 155 -20.82 -41.44 -16.41
N ASP A 156 -21.45 -40.58 -17.21
CA ASP A 156 -22.91 -40.46 -17.21
C ASP A 156 -23.55 -41.39 -18.26
N GLN A 157 -24.88 -41.39 -18.37
CA GLN A 157 -25.56 -42.33 -19.30
C GLN A 157 -25.28 -41.99 -20.77
N HIS A 158 -24.67 -40.83 -21.01
CA HIS A 158 -24.36 -40.41 -22.37
C HIS A 158 -22.88 -40.59 -22.69
N GLY A 159 -22.14 -41.17 -21.75
CA GLY A 159 -20.72 -41.41 -21.95
C GLY A 159 -19.82 -40.26 -21.53
N ARG A 160 -20.38 -39.08 -21.31
CA ARG A 160 -19.59 -37.91 -20.92
C ARG A 160 -19.00 -38.04 -19.50
N VAL A 161 -17.67 -37.98 -19.44
CA VAL A 161 -16.94 -38.02 -18.17
C VAL A 161 -17.35 -36.83 -17.28
N TYR A 162 -17.36 -37.07 -15.97
CA TYR A 162 -17.60 -36.01 -14.99
C TYR A 162 -17.01 -36.36 -13.64
N TYR A 163 -17.10 -35.41 -12.73
CA TYR A 163 -16.32 -35.43 -11.49
C TYR A 163 -17.20 -35.06 -10.29
N VAL A 164 -17.02 -35.81 -9.20
CA VAL A 164 -17.82 -35.62 -8.00
C VAL A 164 -16.90 -35.16 -6.89
N ASP A 165 -17.26 -34.06 -6.25
CA ASP A 165 -16.47 -33.60 -5.12
C ASP A 165 -17.22 -34.02 -3.86
N HIS A 166 -16.71 -35.07 -3.23
CA HIS A 166 -17.32 -35.61 -2.02
C HIS A 166 -17.18 -34.72 -0.77
N VAL A 167 -16.37 -33.68 -0.87
CA VAL A 167 -16.17 -32.78 0.26
C VAL A 167 -17.07 -31.55 0.16
N GLU A 168 -16.98 -30.81 -0.95
CA GLU A 168 -17.87 -29.68 -1.20
C GLU A 168 -19.29 -30.12 -1.55
N LYS A 169 -19.43 -31.38 -1.95
CA LYS A 169 -20.69 -31.91 -2.44
C LYS A 169 -21.09 -31.19 -3.74
N ARG A 170 -20.24 -31.37 -4.74
N ARG A 170 -20.23 -31.35 -4.74
CA ARG A 170 -20.44 -30.73 -6.04
CA ARG A 170 -20.42 -30.72 -6.04
C ARG A 170 -20.25 -31.75 -7.15
C ARG A 170 -20.25 -31.74 -7.15
N THR A 171 -20.85 -31.47 -8.29
CA THR A 171 -20.63 -32.27 -9.47
C THR A 171 -20.21 -31.29 -10.56
N THR A 172 -19.32 -31.73 -11.46
CA THR A 172 -18.91 -30.88 -12.57
C THR A 172 -18.33 -31.67 -13.73
N TRP A 173 -18.37 -31.09 -14.92
CA TRP A 173 -17.81 -31.73 -16.11
C TRP A 173 -16.33 -31.42 -16.27
N ASP A 174 -15.87 -30.41 -15.54
CA ASP A 174 -14.50 -29.91 -15.68
C ASP A 174 -13.59 -30.53 -14.64
N ARG A 175 -12.56 -31.23 -15.10
CA ARG A 175 -11.62 -31.87 -14.19
C ARG A 175 -10.89 -30.82 -13.36
N PRO A 176 -10.98 -30.92 -12.03
CA PRO A 176 -10.34 -29.94 -11.14
C PRO A 176 -8.83 -29.98 -11.32
N GLU A 177 -8.18 -28.81 -11.35
CA GLU A 177 -6.72 -28.78 -11.44
C GLU A 177 -6.15 -29.36 -10.17
N PRO A 178 -5.04 -30.10 -10.29
CA PRO A 178 -4.42 -30.64 -9.05
C PRO A 178 -3.95 -29.50 -8.17
N LEU A 179 -3.86 -29.74 -6.86
CA LEU A 179 -3.33 -28.73 -5.96
C LEU A 179 -1.82 -28.69 -6.16
N PRO A 180 -1.22 -27.52 -5.95
CA PRO A 180 0.25 -27.46 -6.01
C PRO A 180 0.89 -28.24 -4.84
N PRO A 181 2.14 -28.70 -5.02
CA PRO A 181 2.87 -29.49 -4.01
C PRO A 181 2.76 -28.91 -2.60
N GLY A 182 2.55 -29.80 -1.62
CA GLY A 182 2.48 -29.41 -0.22
C GLY A 182 1.13 -28.91 0.25
N TRP A 183 0.17 -28.76 -0.67
CA TRP A 183 -1.14 -28.22 -0.32
C TRP A 183 -2.16 -29.32 -0.07
N GLU A 184 -2.98 -29.13 0.96
CA GLU A 184 -4.03 -30.08 1.30
C GLU A 184 -5.32 -29.33 1.65
N ARG A 185 -6.43 -29.76 1.06
CA ARG A 185 -7.75 -29.24 1.42
C ARG A 185 -8.21 -29.80 2.77
N ARG A 186 -8.62 -28.92 3.68
CA ARG A 186 -9.15 -29.35 4.96
C ARG A 186 -10.50 -28.70 5.29
N VAL A 187 -11.13 -29.21 6.34
CA VAL A 187 -12.41 -28.69 6.81
C VAL A 187 -12.27 -28.22 8.27
N ASP A 188 -12.63 -26.96 8.53
CA ASP A 188 -12.57 -26.44 9.91
C ASP A 188 -13.68 -26.99 10.83
N ASN A 189 -13.72 -26.47 12.06
CA ASN A 189 -14.68 -26.88 13.09
C ASN A 189 -16.13 -26.55 12.72
N MET A 190 -16.32 -25.43 12.03
CA MET A 190 -17.63 -25.00 11.57
C MET A 190 -17.99 -25.51 10.18
N GLY A 191 -17.18 -26.43 9.64
CA GLY A 191 -17.48 -27.05 8.36
C GLY A 191 -16.98 -26.29 7.13
N ARG A 192 -16.23 -25.22 7.35
CA ARG A 192 -15.76 -24.42 6.24
C ARG A 192 -14.49 -25.00 5.61
N ILE A 193 -14.41 -24.93 4.27
CA ILE A 193 -13.30 -25.47 3.49
C ILE A 193 -12.11 -24.52 3.41
N TYR A 194 -10.94 -24.96 3.87
CA TYR A 194 -9.73 -24.17 3.73
C TYR A 194 -8.59 -25.01 3.18
N TYR A 195 -7.43 -24.37 2.97
CA TYR A 195 -6.29 -25.08 2.39
C TYR A 195 -5.05 -24.81 3.21
N VAL A 196 -4.24 -25.84 3.43
CA VAL A 196 -3.00 -25.70 4.19
C VAL A 196 -1.78 -26.20 3.42
N ASP A 197 -0.75 -25.36 3.38
CA ASP A 197 0.56 -25.71 2.85
C ASP A 197 1.35 -26.36 3.99
N HIS A 198 1.77 -27.60 3.79
CA HIS A 198 2.53 -28.33 4.81
C HIS A 198 4.06 -28.13 4.74
N PHE A 199 4.51 -26.93 4.39
CA PHE A 199 5.93 -26.62 4.35
C PHE A 199 6.12 -25.23 4.92
N THR A 200 5.17 -24.34 4.66
CA THR A 200 5.18 -23.02 5.25
C THR A 200 4.23 -22.97 6.44
N ARG A 201 3.45 -24.04 6.59
CA ARG A 201 2.34 -24.11 7.54
C ARG A 201 1.32 -22.95 7.38
N THR A 202 1.29 -22.34 6.20
CA THR A 202 0.32 -21.27 5.94
C THR A 202 -1.04 -21.87 5.54
N THR A 203 -2.09 -21.05 5.70
CA THR A 203 -3.43 -21.46 5.31
C THR A 203 -4.07 -20.39 4.47
N THR A 204 -5.12 -20.78 3.76
CA THR A 204 -5.85 -19.84 2.92
C THR A 204 -7.27 -20.37 2.64
N TRP A 205 -8.23 -19.46 2.46
CA TRP A 205 -9.56 -19.82 2.02
C TRP A 205 -9.61 -19.88 0.50
N GLN A 206 -8.61 -19.29 -0.15
CA GLN A 206 -8.54 -19.35 -1.61
C GLN A 206 -7.85 -20.64 -2.07
N ARG A 207 -8.56 -21.40 -2.89
CA ARG A 207 -7.99 -22.60 -3.45
C ARG A 207 -6.75 -22.22 -4.25
N PRO A 208 -5.60 -22.75 -3.83
CA PRO A 208 -4.31 -22.39 -4.44
C PRO A 208 -4.21 -22.86 -5.88
N THR A 209 -3.78 -21.96 -6.76
CA THR A 209 -3.56 -22.23 -8.17
C THR A 209 -2.15 -21.82 -8.55
N LEU A 210 -1.78 -21.96 -9.81
CA LEU A 210 -0.47 -21.48 -10.26
C LEU A 210 -0.33 -19.95 -10.11
N GLU A 211 -1.41 -19.22 -10.39
CA GLU A 211 -1.40 -17.76 -10.31
C GLU A 211 -1.35 -17.29 -8.86
N SER A 212 -2.22 -17.84 -8.03
CA SER A 212 -2.22 -17.45 -6.62
C SER A 212 -0.86 -17.78 -5.97
N VAL A 213 -0.31 -18.95 -6.27
CA VAL A 213 0.98 -19.28 -5.68
C VAL A 213 2.08 -18.33 -6.19
N ARG A 214 2.09 -18.02 -7.49
CA ARG A 214 3.03 -17.04 -8.04
C ARG A 214 2.94 -15.64 -7.36
N ASN A 215 1.71 -15.20 -7.11
CA ASN A 215 1.48 -13.96 -6.36
C ASN A 215 2.05 -14.01 -4.96
N TYR A 216 1.83 -15.16 -4.32
CA TYR A 216 2.33 -15.38 -2.99
C TYR A 216 3.85 -15.26 -2.98
N GLU A 217 4.51 -15.85 -3.98
CA GLU A 217 5.96 -15.87 -3.94
C GLU A 217 6.53 -14.51 -4.25
N GLN A 218 5.92 -13.81 -5.21
CA GLN A 218 6.28 -12.41 -5.47
C GLN A 218 6.19 -11.64 -4.17
N TRP A 219 5.14 -11.89 -3.40
CA TRP A 219 5.04 -11.23 -2.10
C TRP A 219 6.16 -11.64 -1.11
N GLN A 220 6.52 -12.92 -1.09
CA GLN A 220 7.64 -13.40 -0.28
C GLN A 220 8.91 -12.61 -0.58
N LEU A 221 9.22 -12.47 -1.87
CA LEU A 221 10.36 -11.66 -2.28
C LEU A 221 10.23 -10.24 -1.78
N GLN A 222 9.10 -9.60 -2.06
CA GLN A 222 8.89 -8.22 -1.61
C GLN A 222 9.17 -8.03 -0.13
N ARG A 223 8.39 -8.74 0.67
CA ARG A 223 8.54 -8.75 2.11
C ARG A 223 10.01 -8.93 2.54
N SER A 224 10.73 -9.89 1.96
CA SER A 224 12.15 -10.06 2.30
C SER A 224 13.02 -8.87 1.93
N GLN A 225 12.80 -8.29 0.75
CA GLN A 225 13.51 -7.07 0.36
C GLN A 225 13.31 -5.91 1.36
N LEU A 226 12.05 -5.65 1.74
CA LEU A 226 11.80 -4.57 2.70
C LEU A 226 12.43 -4.86 4.07
N GLN A 227 12.11 -6.05 4.58
CA GLN A 227 12.69 -6.53 5.84
C GLN A 227 14.22 -6.38 5.83
N GLY A 228 14.83 -6.64 4.69
CA GLY A 228 16.27 -6.56 4.54
C GLY A 228 16.73 -5.13 4.52
N ALA A 229 15.82 -4.23 4.14
CA ALA A 229 16.11 -2.80 4.16
C ALA A 229 15.71 -2.14 5.49
N MET A 230 15.40 -2.96 6.48
CA MET A 230 15.18 -2.42 7.83
C MET A 230 16.11 -1.32 8.37
N GLN A 231 17.42 -1.46 8.19
CA GLN A 231 18.35 -0.43 8.70
C GLN A 231 18.04 0.94 8.11
N GLN A 232 17.80 0.99 6.80
CA GLN A 232 17.41 2.22 6.14
C GLN A 232 16.05 2.67 6.66
N PHE A 233 15.13 1.72 6.86
CA PHE A 233 13.84 2.07 7.42
C PHE A 233 13.93 2.80 8.78
N ASN A 234 14.85 2.37 9.64
CA ASN A 234 14.97 2.97 10.96
C ASN A 234 15.64 4.33 10.97
N GLN A 235 15.91 4.87 9.79
CA GLN A 235 16.59 6.15 9.63
C GLN A 235 15.60 7.18 9.08
N ARG A 236 14.42 6.69 8.69
CA ARG A 236 13.32 7.55 8.31
C ARG A 236 13.02 8.50 9.47
N PHE A 237 12.50 9.69 9.17
CA PHE A 237 12.32 10.74 10.19
C PHE A 237 11.13 11.64 9.86
N ILE A 238 10.64 12.39 10.85
CA ILE A 238 9.70 13.48 10.65
C ILE A 238 10.23 14.74 11.35
N TYR A 239 9.94 14.91 12.64
CA TYR A 239 10.36 16.12 13.36
C TYR A 239 10.62 15.89 14.86
N ALA A 342 6.71 32.63 -1.13
CA ALA A 342 5.80 32.31 -0.02
C ALA A 342 5.58 30.80 0.11
N TYR A 343 5.75 30.28 1.33
CA TYR A 343 5.47 28.86 1.62
C TYR A 343 4.32 28.76 2.63
N VAL A 344 3.11 28.70 2.09
CA VAL A 344 1.89 28.81 2.88
C VAL A 344 1.44 27.47 3.44
N ARG A 345 2.09 26.40 3.01
CA ARG A 345 1.84 25.05 3.54
C ARG A 345 2.93 24.78 4.58
N ASP A 346 2.52 24.44 5.79
CA ASP A 346 3.52 24.21 6.83
C ASP A 346 3.30 22.83 7.47
N PHE A 347 3.92 21.83 6.84
CA PHE A 347 3.83 20.44 7.29
C PHE A 347 4.34 20.27 8.72
N LYS A 348 5.47 20.89 9.04
CA LYS A 348 6.02 20.84 10.40
C LYS A 348 4.98 21.21 11.47
N ALA A 349 4.28 22.32 11.22
CA ALA A 349 3.31 22.85 12.17
C ALA A 349 2.09 21.93 12.28
N LYS A 350 1.71 21.35 11.13
CA LYS A 350 0.63 20.38 11.09
C LYS A 350 0.98 19.19 11.96
N VAL A 351 2.15 18.62 11.75
CA VAL A 351 2.63 17.48 12.51
C VAL A 351 2.71 17.82 13.99
N GLN A 352 3.07 19.04 14.34
CA GLN A 352 3.16 19.37 15.76
CA GLN A 352 3.16 19.45 15.75
C GLN A 352 1.78 19.45 16.37
N TYR A 353 0.85 20.06 15.64
CA TYR A 353 -0.55 20.14 16.07
C TYR A 353 -1.12 18.74 16.30
N PHE A 354 -0.86 17.88 15.33
CA PHE A 354 -1.32 16.51 15.39
C PHE A 354 -0.68 15.73 16.57
N ARG A 355 0.62 15.91 16.78
CA ARG A 355 1.27 15.29 17.93
C ARG A 355 0.57 15.71 19.20
N PHE A 356 0.30 17.00 19.30
CA PHE A 356 -0.37 17.52 20.48
C PHE A 356 -1.75 16.90 20.66
N TRP A 357 -2.49 16.80 19.57
CA TRP A 357 -3.82 16.19 19.58
C TRP A 357 -3.79 14.75 20.12
N CYS A 358 -2.83 13.99 19.62
CA CYS A 358 -2.66 12.60 20.05
C CYS A 358 -2.32 12.54 21.51
N GLN A 359 -1.42 13.44 21.94
CA GLN A 359 -0.99 13.45 23.33
C GLN A 359 -2.17 13.73 24.26
N GLN A 360 -3.05 14.64 23.85
CA GLN A 360 -4.21 14.97 24.66
C GLN A 360 -5.22 13.85 24.65
N LEU A 361 -5.17 12.98 23.63
CA LEU A 361 -5.98 11.75 23.73
C LEU A 361 -5.30 10.53 24.34
N ALA A 362 -3.97 10.57 24.43
CA ALA A 362 -3.19 9.42 24.92
C ALA A 362 -3.61 9.02 26.33
N MET A 363 -3.84 7.74 26.53
CA MET A 363 -4.28 7.25 27.83
C MET A 363 -3.07 6.81 28.63
N PRO A 364 -3.12 6.95 29.96
CA PRO A 364 -2.01 6.52 30.82
C PRO A 364 -1.59 5.07 30.54
N GLN A 365 -0.29 4.86 30.48
CA GLN A 365 0.31 3.56 30.14
C GLN A 365 -0.38 2.41 30.87
N HIS A 366 -0.46 1.21 30.27
CA HIS A 366 0.04 0.83 28.95
C HIS A 366 -0.67 -0.47 28.59
N ILE A 367 -0.49 -0.96 27.37
CA ILE A 367 -0.98 -2.30 27.05
C ILE A 367 0.10 -3.19 26.49
N LYS A 368 0.02 -4.47 26.80
CA LYS A 368 0.97 -5.44 26.32
C LYS A 368 0.44 -6.12 25.06
N ILE A 369 1.24 -6.11 24.00
CA ILE A 369 0.87 -6.88 22.81
C ILE A 369 1.94 -7.95 22.63
N THR A 370 1.51 -9.21 22.71
CA THR A 370 2.42 -10.34 22.71
C THR A 370 2.34 -11.09 21.39
N VAL A 371 3.40 -11.03 20.60
CA VAL A 371 3.43 -11.69 19.29
C VAL A 371 4.78 -12.36 18.98
N THR A 372 4.74 -13.36 18.12
CA THR A 372 5.94 -14.02 17.67
C THR A 372 6.24 -13.61 16.23
N ARG A 373 7.52 -13.65 15.86
CA ARG A 373 7.94 -13.33 14.51
C ARG A 373 7.36 -14.31 13.48
N LYS A 374 7.20 -15.56 13.90
CA LYS A 374 6.76 -16.62 13.00
C LYS A 374 5.28 -16.50 12.68
N THR A 375 4.53 -15.99 13.65
CA THR A 375 3.09 -15.88 13.47
C THR A 375 2.63 -14.44 13.71
N LEU A 376 3.52 -13.50 13.36
CA LEU A 376 3.26 -12.08 13.59
C LEU A 376 1.84 -11.65 13.22
N PHE A 377 1.42 -11.95 12.00
CA PHE A 377 0.10 -11.49 11.55
C PHE A 377 -1.07 -11.99 12.40
N GLU A 378 -1.16 -13.30 12.60
CA GLU A 378 -2.30 -13.85 13.33
C GLU A 378 -2.32 -13.44 14.81
N ASP A 379 -1.17 -13.52 15.46
CA ASP A 379 -1.08 -13.10 16.85
C ASP A 379 -1.48 -11.64 16.97
N SER A 380 -1.01 -10.83 16.03
CA SER A 380 -1.33 -9.40 16.05
C SER A 380 -2.82 -9.20 15.91
N PHE A 381 -3.45 -9.96 15.03
CA PHE A 381 -4.88 -9.83 14.80
C PHE A 381 -5.67 -10.19 16.07
N GLN A 382 -5.31 -11.31 16.70
CA GLN A 382 -5.98 -11.74 17.92
C GLN A 382 -5.83 -10.72 19.05
N GLN A 383 -4.57 -10.35 19.34
CA GLN A 383 -4.27 -9.30 20.30
C GLN A 383 -5.03 -8.00 20.03
N ILE A 384 -4.76 -7.38 18.89
CA ILE A 384 -5.32 -6.06 18.58
C ILE A 384 -6.85 -6.08 18.62
N MET A 385 -7.45 -7.15 18.13
CA MET A 385 -8.91 -7.20 18.19
C MET A 385 -9.43 -7.50 19.59
N SER A 386 -8.60 -8.09 20.45
CA SER A 386 -8.99 -8.34 21.84
C SER A 386 -9.11 -7.07 22.70
N PHE A 387 -8.41 -6.02 22.29
CA PHE A 387 -8.38 -4.77 23.03
C PHE A 387 -9.41 -3.73 22.58
N SER A 388 -9.83 -2.88 23.52
CA SER A 388 -10.66 -1.70 23.25
C SER A 388 -9.86 -0.61 22.53
N PRO A 389 -10.55 0.25 21.77
CA PRO A 389 -9.93 1.42 21.11
C PRO A 389 -9.20 2.30 22.11
N GLN A 390 -9.88 2.56 23.21
CA GLN A 390 -9.31 3.26 24.36
C GLN A 390 -7.97 2.62 24.77
N ASP A 391 -8.00 1.32 25.04
CA ASP A 391 -6.78 0.61 25.42
C ASP A 391 -5.71 0.74 24.36
N LEU A 392 -6.11 0.72 23.09
CA LEU A 392 -5.15 0.77 22.00
C LEU A 392 -4.60 2.17 21.80
N ARG A 393 -5.19 3.13 22.53
CA ARG A 393 -4.59 4.47 22.59
C ARG A 393 -3.62 4.66 23.77
N ARG A 394 -3.43 3.61 24.55
CA ARG A 394 -2.45 3.64 25.65
C ARG A 394 -1.06 3.36 25.11
N ARG A 395 -0.05 3.46 25.97
CA ARG A 395 1.31 3.18 25.56
C ARG A 395 1.44 1.70 25.17
N LEU A 396 2.11 1.43 24.05
CA LEU A 396 2.25 0.07 23.56
C LEU A 396 3.50 -0.61 24.09
N TRP A 397 3.33 -1.78 24.69
CA TRP A 397 4.45 -2.61 25.08
C TRP A 397 4.40 -3.89 24.27
N VAL A 398 5.05 -3.87 23.10
CA VAL A 398 5.11 -5.05 22.26
C VAL A 398 6.26 -5.95 22.70
N ILE A 399 5.95 -7.23 22.89
CA ILE A 399 6.95 -8.21 23.28
C ILE A 399 7.05 -9.35 22.27
N PHE A 400 8.28 -9.65 21.84
CA PHE A 400 8.56 -10.87 21.09
C PHE A 400 9.22 -11.81 22.09
N PRO A 401 8.49 -12.83 22.55
CA PRO A 401 8.94 -13.79 23.57
C PRO A 401 10.29 -14.41 23.23
N ASP A 407 14.21 -1.93 24.47
CA ASP A 407 13.41 -0.72 24.66
C ASP A 407 12.10 -0.83 23.88
N TYR A 408 10.99 -0.48 24.53
CA TYR A 408 9.67 -0.73 23.96
C TYR A 408 9.42 -0.04 22.62
N GLY A 409 10.02 1.14 22.44
CA GLY A 409 9.81 1.94 21.24
C GLY A 409 10.34 1.33 19.96
N GLY A 410 11.51 0.68 20.06
CA GLY A 410 12.14 0.06 18.90
C GLY A 410 11.52 -1.27 18.51
N VAL A 411 10.94 -1.95 19.50
CA VAL A 411 10.24 -3.22 19.24
C VAL A 411 8.84 -2.95 18.72
N ALA A 412 8.21 -1.87 19.19
CA ALA A 412 6.96 -1.42 18.59
C ALA A 412 7.22 -0.93 17.16
N ARG A 413 8.33 -0.23 16.98
CA ARG A 413 8.73 0.29 15.68
C ARG A 413 8.88 -0.89 14.72
N GLU A 414 9.64 -1.89 15.18
CA GLU A 414 9.84 -3.12 14.41
C GLU A 414 8.52 -3.86 14.12
N TRP A 415 7.64 -3.88 15.12
CA TRP A 415 6.37 -4.56 15.03
C TRP A 415 5.55 -3.92 13.92
N PHE A 416 5.48 -2.59 13.91
CA PHE A 416 4.78 -1.88 12.84
C PHE A 416 5.40 -2.15 11.45
N PHE A 417 6.73 -2.12 11.38
CA PHE A 417 7.48 -2.45 10.16
C PHE A 417 7.01 -3.81 9.57
N LEU A 418 7.24 -4.83 10.38
CA LEU A 418 6.96 -6.21 10.00
C LEU A 418 5.48 -6.44 9.69
N LEU A 419 4.59 -5.98 10.56
CA LEU A 419 3.16 -6.22 10.37
C LEU A 419 2.72 -5.54 9.09
N SER A 420 3.24 -4.33 8.85
CA SER A 420 2.87 -3.58 7.64
C SER A 420 3.29 -4.36 6.40
N HIS A 421 4.38 -5.13 6.50
CA HIS A 421 4.63 -6.12 5.43
C HIS A 421 3.62 -7.31 5.38
N GLU A 422 3.33 -7.90 6.53
CA GLU A 422 2.50 -9.11 6.61
C GLU A 422 1.08 -8.89 6.06
N VAL A 423 0.59 -7.70 6.26
CA VAL A 423 -0.76 -7.29 5.90
C VAL A 423 -1.08 -7.52 4.39
N LEU A 424 -0.06 -7.57 3.55
CA LEU A 424 -0.23 -7.68 2.09
C LEU A 424 -0.18 -9.11 1.60
N ASN A 425 -0.16 -10.04 2.54
CA ASN A 425 0.01 -11.45 2.21
C ASN A 425 -1.19 -11.95 1.41
N PRO A 426 -0.99 -12.21 0.10
CA PRO A 426 -2.10 -12.50 -0.83
C PRO A 426 -2.93 -13.70 -0.38
N MET A 427 -2.37 -14.56 0.46
CA MET A 427 -3.13 -15.70 0.99
C MET A 427 -4.37 -15.27 1.75
N TYR A 428 -4.32 -14.08 2.34
CA TYR A 428 -5.45 -13.57 3.12
C TYR A 428 -6.59 -13.11 2.22
N CYS A 429 -6.27 -12.90 0.93
CA CYS A 429 -7.22 -12.53 -0.12
C CYS A 429 -7.70 -11.09 0.01
N LEU A 430 -6.99 -10.30 0.81
CA LEU A 430 -7.43 -8.95 1.16
C LEU A 430 -7.06 -7.89 0.12
N PHE A 431 -5.84 -7.95 -0.40
CA PHE A 431 -5.40 -6.97 -1.39
C PHE A 431 -5.06 -7.59 -2.72
N GLU A 432 -4.81 -6.75 -3.71
CA GLU A 432 -4.35 -7.23 -5.01
C GLU A 432 -3.66 -6.08 -5.73
N TYR A 433 -3.14 -6.36 -6.92
CA TYR A 433 -2.49 -5.35 -7.72
C TYR A 433 -3.26 -5.08 -9.00
N ALA A 434 -3.33 -3.81 -9.38
CA ALA A 434 -3.98 -3.44 -10.63
C ALA A 434 -3.18 -3.91 -11.86
N ASP A 437 1.95 -6.66 -13.19
CA ASP A 437 2.49 -5.35 -12.83
C ASP A 437 3.03 -5.30 -11.39
N ASN A 438 2.14 -5.54 -10.42
CA ASN A 438 2.45 -5.36 -8.99
C ASN A 438 2.78 -3.91 -8.63
N TYR A 439 2.16 -2.98 -9.34
CA TYR A 439 2.46 -1.56 -9.17
C TYR A 439 1.51 -0.88 -8.18
N CYS A 440 0.22 -1.07 -8.40
CA CYS A 440 -0.78 -0.34 -7.64
C CYS A 440 -1.55 -1.24 -6.71
N LEU A 441 -1.47 -0.94 -5.43
CA LEU A 441 -2.17 -1.72 -4.41
C LEU A 441 -3.66 -1.36 -4.36
N GLN A 442 -4.50 -2.38 -4.20
CA GLN A 442 -5.93 -2.21 -4.22
C GLN A 442 -6.53 -3.17 -3.23
N ILE A 443 -7.73 -2.85 -2.76
CA ILE A 443 -8.53 -3.83 -2.06
C ILE A 443 -8.97 -4.85 -3.08
N ASN A 444 -8.84 -6.13 -2.72
CA ASN A 444 -9.28 -7.22 -3.57
C ASN A 444 -10.81 -7.40 -3.50
N PRO A 445 -11.48 -7.20 -4.65
CA PRO A 445 -12.95 -7.37 -4.72
C PRO A 445 -13.37 -8.78 -4.38
N ALA A 446 -12.46 -9.74 -4.54
CA ALA A 446 -12.76 -11.12 -4.24
C ALA A 446 -12.47 -11.49 -2.78
N SER A 447 -12.17 -10.47 -1.95
CA SER A 447 -11.84 -10.71 -0.54
C SER A 447 -12.88 -11.56 0.18
N TYR A 448 -14.10 -11.57 -0.36
CA TYR A 448 -15.19 -12.38 0.15
C TYR A 448 -14.87 -13.87 0.30
N ILE A 449 -14.03 -14.41 -0.57
CA ILE A 449 -13.66 -15.84 -0.45
C ILE A 449 -13.09 -16.14 0.93
N ASN A 450 -12.51 -15.13 1.57
CA ASN A 450 -12.12 -15.19 2.97
C ASN A 450 -13.36 -14.84 3.80
N PRO A 451 -13.96 -15.84 4.46
CA PRO A 451 -15.19 -15.58 5.24
C PRO A 451 -14.98 -14.53 6.33
N ASP A 452 -13.76 -14.30 6.76
CA ASP A 452 -13.49 -13.32 7.79
C ASP A 452 -12.89 -12.04 7.25
N HIS A 453 -13.06 -11.77 5.96
CA HIS A 453 -12.38 -10.61 5.39
C HIS A 453 -12.70 -9.31 6.09
N LEU A 454 -13.97 -9.06 6.37
CA LEU A 454 -14.38 -7.81 7.03
C LEU A 454 -13.68 -7.58 8.39
N LYS A 455 -13.63 -8.60 9.24
CA LYS A 455 -12.91 -8.51 10.52
C LYS A 455 -11.45 -8.17 10.28
N TYR A 456 -10.85 -8.77 9.26
CA TYR A 456 -9.48 -8.44 8.94
C TYR A 456 -9.29 -7.02 8.45
N PHE A 457 -10.23 -6.49 7.68
CA PHE A 457 -10.12 -5.10 7.24
C PHE A 457 -10.29 -4.15 8.41
N ARG A 458 -11.10 -4.56 9.38
CA ARG A 458 -11.28 -3.73 10.55
C ARG A 458 -9.97 -3.72 11.33
N PHE A 459 -9.40 -4.91 11.49
CA PHE A 459 -8.07 -5.03 12.09
C PHE A 459 -7.06 -4.11 11.40
N ILE A 460 -6.97 -4.17 10.07
CA ILE A 460 -6.03 -3.30 9.36
C ILE A 460 -6.31 -1.81 9.57
N GLY A 461 -7.59 -1.43 9.60
CA GLY A 461 -7.98 -0.05 9.91
C GLY A 461 -7.42 0.39 11.25
N ARG A 462 -7.68 -0.41 12.28
CA ARG A 462 -7.06 -0.21 13.59
C ARG A 462 -5.55 -0.07 13.47
N PHE A 463 -4.93 -0.98 12.73
CA PHE A 463 -3.49 -0.98 12.57
C PHE A 463 -2.93 0.36 12.04
N ILE A 464 -3.48 0.80 10.91
CA ILE A 464 -3.03 2.06 10.29
C ILE A 464 -3.29 3.26 11.20
N ALA A 465 -4.52 3.36 11.71
CA ALA A 465 -4.83 4.43 12.67
C ALA A 465 -3.88 4.41 13.87
N MET A 466 -3.47 3.23 14.34
CA MET A 466 -2.57 3.12 15.49
C MET A 466 -1.18 3.59 15.16
N ALA A 467 -0.74 3.32 13.93
CA ALA A 467 0.56 3.85 13.48
C ALA A 467 0.51 5.37 13.50
N LEU A 468 -0.53 5.94 12.91
CA LEU A 468 -0.66 7.40 12.95
C LEU A 468 -0.69 7.94 14.41
N PHE A 469 -1.59 7.38 15.22
CA PHE A 469 -1.76 7.84 16.60
C PHE A 469 -0.49 7.75 17.44
N HIS A 470 0.28 6.67 17.29
CA HIS A 470 1.45 6.44 18.11
C HIS A 470 2.74 6.92 17.46
N GLY A 471 2.64 7.62 16.34
CA GLY A 471 3.79 8.14 15.62
C GLY A 471 4.74 7.08 15.07
N LYS A 472 4.20 6.03 14.46
CA LYS A 472 5.06 4.99 13.92
C LYS A 472 4.91 4.85 12.41
N PHE A 473 6.04 4.64 11.74
CA PHE A 473 6.01 4.48 10.29
C PHE A 473 5.62 3.06 9.89
N ILE A 474 4.97 2.94 8.74
CA ILE A 474 4.71 1.63 8.18
C ILE A 474 5.47 1.56 6.88
N ASP A 475 5.49 0.39 6.26
CA ASP A 475 6.33 0.16 5.12
C ASP A 475 5.51 -0.52 4.01
N THR A 476 4.35 0.04 3.74
CA THR A 476 3.41 -0.51 2.78
C THR A 476 3.22 0.49 1.64
N GLY A 477 3.08 -0.03 0.42
CA GLY A 477 2.95 0.83 -0.73
C GLY A 477 1.51 1.13 -1.10
N PHE A 478 0.76 1.77 -0.19
CA PHE A 478 -0.60 2.21 -0.50
C PHE A 478 -0.60 3.29 -1.59
N SER A 479 -1.70 3.35 -2.34
CA SER A 479 -1.82 4.32 -3.42
C SER A 479 -2.28 5.66 -2.86
N LEU A 480 -2.05 6.72 -3.62
CA LEU A 480 -2.53 8.04 -3.23
C LEU A 480 -4.05 8.15 -3.05
N PRO A 481 -4.85 7.49 -3.92
CA PRO A 481 -6.30 7.47 -3.68
C PRO A 481 -6.69 6.86 -2.35
N PHE A 482 -5.94 5.86 -1.89
CA PHE A 482 -6.14 5.28 -0.57
C PHE A 482 -6.08 6.38 0.53
N TYR A 483 -5.01 7.17 0.50
CA TYR A 483 -4.85 8.29 1.43
C TYR A 483 -5.93 9.34 1.25
N LYS A 484 -6.29 9.57 0.00
CA LYS A 484 -7.36 10.50 -0.29
C LYS A 484 -8.65 10.04 0.38
N ARG A 485 -8.86 8.73 0.37
CA ARG A 485 -10.10 8.12 0.84
C ARG A 485 -10.13 8.28 2.34
N ILE A 486 -8.99 8.02 3.00
CA ILE A 486 -8.86 8.35 4.42
C ILE A 486 -9.31 9.80 4.73
N LEU A 487 -8.96 10.74 3.86
CA LEU A 487 -9.24 12.15 4.12
C LEU A 487 -10.54 12.67 3.53
N ASN A 488 -11.40 11.77 3.06
CA ASN A 488 -12.66 12.14 2.41
C ASN A 488 -12.49 13.21 1.33
N LYS A 489 -11.47 13.04 0.52
CA LYS A 489 -11.24 13.92 -0.63
C LYS A 489 -11.67 13.24 -1.92
N PRO A 490 -12.19 14.03 -2.87
CA PRO A 490 -12.66 13.56 -4.18
C PRO A 490 -11.69 12.61 -4.87
N VAL A 491 -12.18 11.44 -5.27
CA VAL A 491 -11.44 10.57 -6.16
C VAL A 491 -11.93 10.79 -7.59
N GLY A 492 -11.18 11.58 -8.36
CA GLY A 492 -11.60 11.98 -9.69
C GLY A 492 -11.07 11.10 -10.82
N LEU A 493 -11.26 11.56 -12.05
CA LEU A 493 -10.77 10.85 -13.21
C LEU A 493 -9.24 10.79 -13.20
N LYS A 494 -8.63 11.91 -12.83
CA LYS A 494 -7.18 12.00 -12.81
C LYS A 494 -6.53 10.94 -11.91
N ASP A 495 -7.22 10.54 -10.84
CA ASP A 495 -6.73 9.51 -9.94
C ASP A 495 -6.61 8.15 -10.65
N LEU A 496 -7.48 7.95 -11.64
CA LEU A 496 -7.53 6.68 -12.36
C LEU A 496 -6.23 6.45 -13.11
N GLU A 497 -5.61 7.53 -13.58
CA GLU A 497 -4.29 7.46 -14.19
C GLU A 497 -3.25 6.96 -13.18
N SER A 498 -3.36 7.44 -11.95
CA SER A 498 -2.49 6.96 -10.87
C SER A 498 -2.70 5.47 -10.61
N ILE A 499 -3.95 4.98 -10.70
CA ILE A 499 -4.19 3.54 -10.50
C ILE A 499 -4.06 2.62 -11.75
N ASP A 500 -5.04 2.66 -12.65
CA ASP A 500 -5.02 1.81 -13.85
C ASP A 500 -4.99 2.66 -15.13
N PRO A 501 -3.79 3.04 -15.57
CA PRO A 501 -3.55 3.92 -16.73
C PRO A 501 -4.18 3.40 -18.03
N GLU A 502 -4.34 2.09 -18.15
CA GLU A 502 -5.02 1.51 -19.30
C GLU A 502 -6.50 1.90 -19.24
N PHE A 503 -7.12 1.63 -18.09
CA PHE A 503 -8.51 2.02 -17.84
C PHE A 503 -8.72 3.52 -18.00
N TYR A 504 -7.76 4.32 -17.51
CA TYR A 504 -7.81 5.79 -17.64
C TYR A 504 -7.67 6.24 -19.09
N ASN A 505 -6.90 5.48 -19.88
CA ASN A 505 -6.76 5.78 -21.29
C ASN A 505 -8.09 5.52 -22.01
N SER A 506 -8.64 4.34 -21.78
CA SER A 506 -9.94 3.97 -22.30
C SER A 506 -10.99 5.02 -21.97
N LEU A 507 -11.03 5.44 -20.71
CA LEU A 507 -11.96 6.49 -20.28
C LEU A 507 -11.67 7.83 -20.97
N ILE A 508 -10.39 8.14 -21.15
CA ILE A 508 -9.98 9.41 -21.73
C ILE A 508 -10.04 9.42 -23.26
N TRP A 509 -10.50 8.32 -23.84
CA TRP A 509 -10.71 8.28 -25.30
C TRP A 509 -11.76 9.29 -25.74
N VAL A 510 -12.75 9.52 -24.89
CA VAL A 510 -13.80 10.50 -25.16
C VAL A 510 -13.32 11.93 -24.87
N TRP A 563 -16.47 6.65 -10.83
CA TRP A 563 -16.55 5.89 -9.60
C TRP A 563 -16.46 4.38 -9.85
N ARG A 564 -15.32 3.95 -10.39
CA ARG A 564 -15.01 2.53 -10.54
C ARG A 564 -13.87 2.17 -9.60
N LEU A 565 -13.52 3.13 -8.74
CA LEU A 565 -12.45 2.97 -7.76
C LEU A 565 -13.05 2.91 -6.35
N SER A 566 -14.38 2.88 -6.32
CA SER A 566 -15.14 2.79 -5.07
C SER A 566 -16.13 1.65 -5.24
N ARG A 567 -16.59 1.47 -6.47
CA ARG A 567 -17.46 0.35 -6.80
C ARG A 567 -16.67 -0.95 -6.78
N GLY A 568 -17.08 -1.88 -5.92
CA GLY A 568 -16.54 -3.22 -5.92
C GLY A 568 -16.02 -3.62 -4.55
N VAL A 569 -15.58 -2.61 -3.80
CA VAL A 569 -14.92 -2.82 -2.52
C VAL A 569 -15.60 -2.05 -1.37
N GLU A 570 -16.89 -1.76 -1.54
CA GLU A 570 -17.64 -0.93 -0.61
C GLU A 570 -17.61 -1.46 0.82
N GLU A 571 -17.97 -2.73 0.97
CA GLU A 571 -18.00 -3.39 2.27
C GLU A 571 -16.63 -3.44 2.95
N GLN A 572 -15.61 -3.80 2.18
CA GLN A 572 -14.25 -3.84 2.67
C GLN A 572 -13.82 -2.47 3.18
N THR A 573 -14.13 -1.43 2.40
CA THR A 573 -13.71 -0.07 2.73
C THR A 573 -14.43 0.35 3.99
N GLN A 574 -15.71 0.00 4.10
CA GLN A 574 -16.48 0.33 5.29
C GLN A 574 -15.90 -0.33 6.54
N ALA A 575 -15.52 -1.60 6.43
CA ALA A 575 -14.95 -2.31 7.58
C ALA A 575 -13.60 -1.69 7.97
N PHE A 576 -12.78 -1.42 6.95
CA PHE A 576 -11.51 -0.74 7.17
C PHE A 576 -11.72 0.58 7.93
N PHE A 577 -12.73 1.35 7.56
CA PHE A 577 -12.92 2.62 8.24
C PHE A 577 -13.57 2.49 9.60
N GLU A 578 -14.33 1.42 9.83
CA GLU A 578 -14.82 1.18 11.17
C GLU A 578 -13.62 1.01 12.10
N GLY A 579 -12.68 0.16 11.66
CA GLY A 579 -11.48 -0.09 12.45
C GLY A 579 -10.61 1.14 12.62
N PHE A 580 -10.46 1.89 11.53
CA PHE A 580 -9.63 3.07 11.53
C PHE A 580 -10.22 4.13 12.46
N ASN A 581 -11.50 4.42 12.26
CA ASN A 581 -12.19 5.53 12.88
C ASN A 581 -12.48 5.28 14.33
N GLU A 582 -12.52 4.01 14.75
CA GLU A 582 -12.67 3.77 16.19
C GLU A 582 -11.38 4.07 16.99
N ILE A 583 -10.22 4.01 16.32
CA ILE A 583 -8.94 4.39 16.93
C ILE A 583 -8.66 5.89 16.80
N LEU A 584 -8.79 6.40 15.59
CA LEU A 584 -8.48 7.79 15.27
C LEU A 584 -9.39 8.18 14.12
N PRO A 585 -10.46 8.91 14.45
CA PRO A 585 -11.49 9.29 13.48
C PRO A 585 -10.90 10.12 12.36
N GLN A 586 -11.14 9.65 11.14
CA GLN A 586 -10.47 10.20 9.97
C GLN A 586 -10.74 11.68 9.78
N GLN A 587 -11.91 12.15 10.22
CA GLN A 587 -12.28 13.57 10.10
CA GLN A 587 -12.23 13.57 10.05
C GLN A 587 -11.30 14.50 10.83
N TYR A 588 -10.66 14.00 11.89
CA TYR A 588 -9.71 14.85 12.61
C TYR A 588 -8.30 14.75 12.00
N LEU A 589 -8.24 14.29 10.76
CA LEU A 589 -6.99 14.24 10.02
C LEU A 589 -7.00 15.27 8.89
N GLN A 590 -8.09 16.03 8.80
CA GLN A 590 -8.42 16.77 7.59
C GLN A 590 -7.66 18.06 7.32
N TYR A 591 -6.80 18.48 8.23
CA TYR A 591 -5.91 19.60 7.91
C TYR A 591 -4.72 19.09 7.07
N PHE A 592 -4.55 17.77 6.99
CA PHE A 592 -3.51 17.18 6.13
C PHE A 592 -4.05 17.01 4.71
N ASP A 593 -3.14 16.98 3.72
CA ASP A 593 -3.51 16.53 2.38
C ASP A 593 -2.93 15.12 2.18
N ALA A 594 -3.37 14.43 1.13
CA ALA A 594 -3.07 13.00 0.98
C ALA A 594 -1.58 12.70 0.93
N LYS A 595 -0.82 13.60 0.31
CA LYS A 595 0.62 13.43 0.22
C LYS A 595 1.30 13.60 1.57
N GLU A 596 0.81 14.57 2.34
CA GLU A 596 1.26 14.77 3.71
C GLU A 596 0.97 13.55 4.57
N LEU A 597 -0.26 13.04 4.45
CA LEU A 597 -0.63 11.84 5.18
C LEU A 597 0.32 10.68 4.83
N GLU A 598 0.62 10.52 3.54
CA GLU A 598 1.55 9.46 3.16
C GLU A 598 2.92 9.64 3.84
N VAL A 599 3.43 10.87 3.78
CA VAL A 599 4.71 11.17 4.42
C VAL A 599 4.69 10.86 5.94
N LEU A 600 3.57 11.19 6.58
CA LEU A 600 3.36 10.96 8.01
C LEU A 600 3.38 9.47 8.33
N LEU A 601 2.79 8.67 7.47
CA LEU A 601 2.75 7.23 7.73
C LEU A 601 4.04 6.53 7.36
N CYS A 602 4.78 7.09 6.40
CA CYS A 602 5.89 6.36 5.82
C CYS A 602 7.23 6.86 6.28
N GLY A 603 7.26 8.12 6.68
CA GLY A 603 8.49 8.73 7.14
C GLY A 603 9.10 9.51 6.00
N MET A 604 10.07 10.36 6.31
CA MET A 604 10.84 11.03 5.28
C MET A 604 12.19 10.36 5.22
N GLN A 605 12.92 10.57 4.13
CA GLN A 605 14.28 10.08 3.98
C GLN A 605 15.06 11.09 3.15
N GLU A 606 16.36 11.19 3.41
CA GLU A 606 17.22 11.94 2.50
C GLU A 606 17.18 11.26 1.14
N ILE A 607 17.12 12.06 0.09
CA ILE A 607 17.23 11.53 -1.26
C ILE A 607 18.66 11.70 -1.73
N ASP A 608 19.19 10.69 -2.42
CA ASP A 608 20.49 10.81 -3.08
C ASP A 608 20.31 11.58 -4.38
N LEU A 609 20.86 12.79 -4.44
CA LEU A 609 20.72 13.63 -5.62
C LEU A 609 21.58 13.09 -6.75
N ASN A 610 22.69 12.47 -6.38
CA ASN A 610 23.58 11.87 -7.37
C ASN A 610 22.95 10.63 -8.02
N ASP A 611 22.23 9.83 -7.23
CA ASP A 611 21.54 8.64 -7.75
C ASP A 611 20.38 9.10 -8.65
N TRP A 612 19.60 10.02 -8.11
CA TRP A 612 18.51 10.66 -8.85
C TRP A 612 18.95 11.16 -10.22
N GLN A 613 19.98 12.00 -10.25
CA GLN A 613 20.52 12.52 -11.50
C GLN A 613 21.10 11.42 -12.40
N ARG A 614 21.86 10.51 -11.82
CA ARG A 614 22.43 9.39 -12.56
C ARG A 614 21.37 8.55 -13.28
N HIS A 615 20.17 8.46 -12.70
CA HIS A 615 19.14 7.61 -13.30
C HIS A 615 17.87 8.33 -13.83
N ALA A 616 18.05 9.50 -14.43
CA ALA A 616 16.96 10.25 -15.05
C ALA A 616 17.08 10.28 -16.57
N ILE A 617 15.94 10.24 -17.27
CA ILE A 617 15.95 10.25 -18.74
C ILE A 617 15.11 11.39 -19.34
N TYR A 618 15.36 11.75 -20.60
CA TYR A 618 14.67 12.87 -21.23
C TYR A 618 14.14 12.58 -22.62
N HIS A 620 12.27 15.17 -24.90
CA HIS A 620 12.64 16.13 -25.95
C HIS A 620 13.52 17.23 -25.38
N TYR A 621 14.55 16.84 -24.64
CA TYR A 621 15.51 17.77 -24.04
C TYR A 621 16.70 16.96 -23.55
N THR A 622 17.65 17.62 -22.88
CA THR A 622 18.86 16.94 -22.42
C THR A 622 19.49 17.59 -21.20
N ARG A 623 20.59 17.01 -20.74
CA ARG A 623 21.32 17.51 -19.57
C ARG A 623 21.76 18.98 -19.71
N THR A 624 21.64 19.53 -20.92
CA THR A 624 21.98 20.93 -21.17
C THR A 624 20.77 21.85 -21.04
N GLN A 627 17.99 24.42 -18.60
CA GLN A 627 16.54 24.40 -18.40
C GLN A 627 16.16 23.09 -17.73
N ILE A 628 17.13 22.19 -17.63
CA ILE A 628 17.02 20.99 -16.83
C ILE A 628 18.04 21.11 -15.71
N MET A 629 19.13 21.80 -15.99
CA MET A 629 20.10 22.20 -14.98
C MET A 629 19.43 23.19 -14.02
N TRP A 630 18.42 23.88 -14.53
CA TRP A 630 17.54 24.70 -13.69
C TRP A 630 16.70 23.81 -12.80
N PHE A 631 16.19 22.70 -13.36
CA PHE A 631 15.41 21.75 -12.58
C PHE A 631 16.26 21.19 -11.44
N TRP A 632 17.50 20.83 -11.77
CA TRP A 632 18.35 20.20 -10.77
C TRP A 632 18.88 21.21 -9.75
N GLN A 633 19.00 22.45 -10.21
CA GLN A 633 19.22 23.57 -9.29
C GLN A 633 18.07 23.62 -8.29
N PHE A 634 16.84 23.51 -8.81
CA PHE A 634 15.63 23.56 -7.99
C PHE A 634 15.62 22.42 -6.96
N VAL A 635 15.98 21.21 -7.41
CA VAL A 635 16.07 20.08 -6.51
C VAL A 635 17.08 20.33 -5.40
N LYS A 636 18.25 20.83 -5.77
CA LYS A 636 19.33 21.05 -4.82
C LYS A 636 19.05 22.20 -3.84
N GLU A 637 18.23 23.15 -4.25
CA GLU A 637 17.97 24.33 -3.44
C GLU A 637 16.93 24.05 -2.35
N ILE A 638 15.91 23.27 -2.69
CA ILE A 638 14.81 22.96 -1.78
C ILE A 638 15.23 21.98 -0.67
N ASP A 639 14.46 21.95 0.42
CA ASP A 639 14.80 21.12 1.57
C ASP A 639 14.34 19.67 1.37
N ASN A 640 14.58 18.83 2.39
CA ASN A 640 14.26 17.42 2.31
C ASN A 640 12.78 17.18 2.06
N GLU A 641 11.97 17.95 2.78
CA GLU A 641 10.52 17.81 2.71
C GLU A 641 10.00 18.17 1.32
N LYS A 642 10.52 19.24 0.73
CA LYS A 642 10.04 19.62 -0.58
C LYS A 642 10.54 18.65 -1.67
N ARG A 643 11.66 17.97 -1.41
CA ARG A 643 12.15 16.94 -2.32
C ARG A 643 11.28 15.70 -2.24
N MET A 644 10.85 15.37 -1.03
CA MET A 644 9.85 14.33 -0.82
C MET A 644 8.56 14.69 -1.57
N ARG A 645 8.18 15.96 -1.50
CA ARG A 645 6.96 16.43 -2.15
C ARG A 645 7.06 16.33 -3.67
N LEU A 646 8.23 16.70 -4.21
CA LEU A 646 8.47 16.66 -5.65
C LEU A 646 8.48 15.20 -6.14
N LEU A 647 9.16 14.35 -5.37
CA LEU A 647 9.11 12.92 -5.59
C LEU A 647 7.68 12.38 -5.61
N GLN A 648 6.83 12.88 -4.72
CA GLN A 648 5.42 12.45 -4.73
C GLN A 648 4.72 12.92 -5.99
N PHE A 649 4.92 14.20 -6.31
CA PHE A 649 4.36 14.79 -7.51
C PHE A 649 4.68 13.96 -8.76
N VAL A 650 5.94 13.57 -8.90
CA VAL A 650 6.39 12.85 -10.10
C VAL A 650 6.09 11.33 -10.12
N THR A 651 6.36 10.65 -9.00
CA THR A 651 6.23 9.20 -8.94
C THR A 651 4.94 8.73 -8.28
N GLY A 652 4.27 9.63 -7.56
CA GLY A 652 3.05 9.27 -6.86
C GLY A 652 3.28 8.88 -5.41
N THR A 653 4.54 8.80 -4.99
CA THR A 653 4.86 8.30 -3.65
C THR A 653 6.15 8.89 -3.09
N CYS A 654 6.27 8.89 -1.76
CA CYS A 654 7.50 9.37 -1.12
C CYS A 654 8.42 8.21 -0.78
N ARG A 655 8.07 7.02 -1.22
CA ARG A 655 8.88 5.86 -0.90
C ARG A 655 9.79 5.53 -2.08
N LEU A 656 11.03 5.19 -1.77
CA LEU A 656 11.99 4.83 -2.80
C LEU A 656 12.36 3.36 -2.72
N PRO A 657 12.47 2.70 -3.88
CA PRO A 657 13.01 1.34 -3.95
C PRO A 657 14.32 1.25 -3.18
N VAL A 658 14.49 0.15 -2.46
CA VAL A 658 15.71 -0.08 -1.66
C VAL A 658 17.00 0.10 -2.48
N GLY A 659 16.95 -0.27 -3.76
CA GLY A 659 18.08 -0.15 -4.65
C GLY A 659 18.38 1.28 -5.07
N GLY A 660 17.33 2.09 -5.21
CA GLY A 660 17.50 3.49 -5.58
C GLY A 660 16.78 3.87 -6.87
N PHE A 661 17.11 5.06 -7.38
CA PHE A 661 16.42 5.59 -8.57
C PHE A 661 16.57 4.76 -9.84
N ALA A 662 17.49 3.80 -9.83
CA ALA A 662 17.66 2.89 -10.96
C ALA A 662 16.55 1.83 -10.94
N ASP A 663 16.19 1.42 -9.73
CA ASP A 663 15.23 0.35 -9.54
C ASP A 663 13.79 0.87 -9.57
N LEU A 664 13.61 2.07 -10.12
CA LEU A 664 12.31 2.73 -10.16
C LEU A 664 11.30 1.98 -11.04
N MET A 665 10.06 1.90 -10.58
CA MET A 665 9.04 1.07 -11.21
C MET A 665 7.82 1.88 -11.62
N GLY A 666 7.18 1.45 -12.71
CA GLY A 666 5.94 2.06 -13.17
C GLY A 666 4.82 1.05 -13.37
N SER A 667 3.69 1.53 -13.88
CA SER A 667 2.47 0.75 -14.02
C SER A 667 2.52 -0.40 -15.05
N ASN A 668 3.60 -0.47 -15.82
CA ASN A 668 3.82 -1.62 -16.70
C ASN A 668 5.29 -1.97 -16.85
N GLY A 669 5.97 -2.08 -15.72
CA GLY A 669 7.38 -2.43 -15.69
C GLY A 669 8.22 -1.30 -15.14
N PRO A 670 9.55 -1.49 -15.09
CA PRO A 670 10.47 -0.41 -14.70
C PRO A 670 10.29 0.80 -15.60
N GLN A 671 10.30 2.00 -15.03
CA GLN A 671 10.24 3.23 -15.82
C GLN A 671 11.03 4.31 -15.08
N LYS A 672 12.19 4.65 -15.62
CA LYS A 672 13.11 5.59 -14.96
C LYS A 672 12.48 6.97 -14.90
N PHE A 673 12.96 7.79 -13.98
CA PHE A 673 12.55 9.19 -13.86
C PHE A 673 12.67 9.90 -15.21
N CYS A 674 11.56 10.48 -15.69
CA CYS A 674 11.54 11.13 -17.01
C CYS A 674 10.95 12.54 -17.03
N ILE A 675 11.70 13.48 -17.59
CA ILE A 675 11.23 14.85 -17.79
C ILE A 675 11.17 15.19 -19.29
N GLU A 676 10.02 15.66 -19.78
CA GLU A 676 9.87 16.02 -21.18
C GLU A 676 9.18 17.38 -21.41
N LYS A 677 9.59 18.06 -22.48
CA LYS A 677 9.05 19.38 -22.80
C LYS A 677 7.66 19.29 -23.42
N VAL A 678 6.75 20.15 -22.95
CA VAL A 678 5.34 20.17 -23.39
C VAL A 678 4.59 21.37 -22.82
N GLY A 679 3.75 22.01 -23.65
CA GLY A 679 2.93 23.12 -23.20
C GLY A 679 3.59 24.47 -23.44
N LYS A 680 2.96 25.53 -22.93
CA LYS A 680 3.55 26.86 -23.00
C LYS A 680 4.05 27.26 -21.60
N GLU A 681 4.46 28.51 -21.43
CA GLU A 681 5.02 28.96 -20.15
C GLU A 681 3.94 29.26 -19.11
N ASN A 682 2.74 29.57 -19.57
CA ASN A 682 1.60 29.74 -18.68
C ASN A 682 1.20 28.40 -18.06
N TRP A 683 1.53 27.32 -18.76
CA TRP A 683 1.26 25.95 -18.29
C TRP A 683 1.96 25.66 -16.98
N LEU A 684 1.20 25.11 -16.04
CA LEU A 684 1.77 24.48 -14.86
C LEU A 684 2.43 23.17 -15.31
N PRO A 685 3.49 22.74 -14.61
CA PRO A 685 4.04 21.42 -14.94
C PRO A 685 3.01 20.33 -14.67
N ARG A 686 3.05 19.28 -15.48
CA ARG A 686 2.16 18.15 -15.31
C ARG A 686 2.99 16.91 -15.03
N SER A 687 2.33 15.86 -14.57
CA SER A 687 3.00 14.62 -14.23
C SER A 687 2.13 13.43 -14.61
N HIS A 688 2.80 12.30 -14.82
CA HIS A 688 2.12 11.05 -15.11
C HIS A 688 2.83 10.04 -14.23
N THR A 689 2.28 9.86 -13.04
CA THR A 689 2.98 9.19 -11.95
C THR A 689 3.14 7.70 -12.21
N CYS A 690 2.21 7.16 -12.98
CA CYS A 690 2.25 5.76 -13.38
C CYS A 690 3.44 5.51 -14.32
N PHE A 691 3.96 6.59 -14.89
CA PHE A 691 5.14 6.49 -15.75
C PHE A 691 6.31 7.28 -15.21
N ASN A 692 6.21 7.71 -13.95
CA ASN A 692 7.24 8.55 -13.33
C ASN A 692 7.68 9.67 -14.27
N ARG A 693 6.71 10.32 -14.94
CA ARG A 693 7.03 11.28 -15.98
C ARG A 693 6.67 12.73 -15.62
N LEU A 694 7.61 13.64 -15.81
CA LEU A 694 7.40 15.05 -15.52
C LEU A 694 7.26 15.87 -16.79
N ASP A 695 6.07 16.42 -16.99
CA ASP A 695 5.81 17.28 -18.14
C ASP A 695 6.28 18.70 -17.80
N LEU A 696 7.46 19.05 -18.31
CA LEU A 696 8.11 20.32 -17.97
C LEU A 696 7.94 21.37 -19.08
N PRO A 697 7.08 22.37 -18.85
CA PRO A 697 6.85 23.40 -19.87
C PRO A 697 8.11 24.21 -20.11
N PRO A 698 8.30 24.68 -21.34
CA PRO A 698 9.45 25.53 -21.72
C PRO A 698 9.43 26.88 -21.01
N TYR A 699 10.05 26.93 -19.83
CA TYR A 699 10.15 28.15 -19.03
C TYR A 699 11.38 28.98 -19.46
N LYS A 700 11.28 30.30 -19.34
CA LYS A 700 12.33 31.21 -19.83
C LYS A 700 13.21 31.77 -18.70
N SER A 701 12.76 31.61 -17.46
CA SER A 701 13.53 32.06 -16.30
C SER A 701 13.56 30.98 -15.23
N TYR A 702 14.69 30.86 -14.53
CA TYR A 702 14.77 29.95 -13.39
C TYR A 702 13.75 30.30 -12.29
N GLU A 703 13.58 31.58 -12.01
CA GLU A 703 12.62 32.01 -10.99
C GLU A 703 11.20 31.59 -11.39
N GLN A 704 10.92 31.63 -12.69
CA GLN A 704 9.62 31.21 -13.20
C GLN A 704 9.42 29.69 -13.10
N LEU A 705 10.44 28.92 -13.45
CA LEU A 705 10.38 27.46 -13.33
C LEU A 705 10.22 27.02 -11.88
N LYS A 706 10.93 27.71 -10.98
CA LYS A 706 10.86 27.40 -9.55
C LYS A 706 9.50 27.80 -8.97
N GLU A 707 8.97 28.95 -9.41
CA GLU A 707 7.62 29.35 -8.99
C GLU A 707 6.57 28.37 -9.48
N LYS A 708 6.60 28.06 -10.76
CA LYS A 708 5.63 27.15 -11.37
C LYS A 708 5.70 25.78 -10.72
N LEU A 709 6.91 25.22 -10.64
CA LEU A 709 7.13 23.90 -10.06
C LEU A 709 6.71 23.83 -8.59
N LEU A 710 7.13 24.83 -7.81
CA LEU A 710 6.71 24.92 -6.43
C LEU A 710 5.19 24.87 -6.39
N PHE A 711 4.59 25.71 -7.21
CA PHE A 711 3.13 25.83 -7.28
C PHE A 711 2.47 24.49 -7.61
N ALA A 712 3.14 23.71 -8.45
CA ALA A 712 2.65 22.44 -8.94
C ALA A 712 2.70 21.37 -7.85
N ILE A 713 3.86 21.25 -7.20
CA ILE A 713 4.05 20.19 -6.23
C ILE A 713 3.35 20.55 -4.93
N GLU A 714 3.21 21.84 -4.66
CA GLU A 714 2.44 22.26 -3.49
C GLU A 714 0.93 22.04 -3.68
N GLU A 715 0.51 21.84 -4.93
CA GLU A 715 -0.91 21.62 -5.27
C GLU A 715 -1.76 22.78 -4.77
N THR A 716 -1.31 23.99 -5.08
CA THR A 716 -1.99 25.21 -4.67
C THR A 716 -3.36 25.36 -5.35
N GLU A 717 -3.52 24.77 -6.52
CA GLU A 717 -4.87 24.62 -7.09
C GLU A 717 -5.08 23.22 -7.70
#